data_7JMV
#
_entry.id   7JMV
#
_cell.length_a   98.740
_cell.length_b   98.740
_cell.length_c   62.287
_cell.angle_alpha   90.000
_cell.angle_beta   90.000
_cell.angle_gamma   120.000
#
_symmetry.space_group_name_H-M   'P 3 2 1'
#
loop_
_entity.id
_entity.type
_entity.pdbx_description
1 polymer 'Pea pathogenicity protein 2'
2 non-polymer 4-NITROCATECHOL
3 non-polymer 'POTASSIUM ION'
4 non-polymer 'CALCIUM ION'
5 water water
#
_entity_poly.entity_id   1
_entity_poly.type   'polypeptide(L)'
_entity_poly.pdbx_seq_one_letter_code
;MTSPLDPHSKCYSHINGSAEELLDRLAVSELCKGWPVYRDASEWKNYRSLFTEDATVWTTWSGPRPVDEFITISKAGKEQ
GVFIMHRECGTLVELSPQQGRAIGKMKATITQRFSFPAASGAATNGTTGTTSDAIEFDVDCDCRFIFFCEKDTASGAWKA
KYVKLFYEKDKVVSVDGHQAPKFTKDELAKYPQGYRYLGAAQARLGYDIDLQLPTSSGQLWDRMYGEMENWLGGNKVDLF
WEH
;
_entity_poly.pdbx_strand_id   A
#
# COMPACT_ATOMS: atom_id res chain seq x y z
N LEU A 5 18.12 -13.27 -2.81
CA LEU A 5 18.75 -12.64 -3.98
C LEU A 5 18.33 -11.18 -4.08
N ASP A 6 19.28 -10.32 -4.45
CA ASP A 6 19.01 -8.89 -4.55
C ASP A 6 18.04 -8.62 -5.68
N PRO A 7 16.84 -8.10 -5.40
CA PRO A 7 15.86 -7.89 -6.47
C PRO A 7 16.12 -6.67 -7.34
N HIS A 8 17.04 -5.79 -6.96
CA HIS A 8 17.29 -4.59 -7.72
C HIS A 8 18.40 -4.85 -8.74
N SER A 9 18.17 -4.38 -9.97
CA SER A 9 19.13 -4.49 -11.06
C SER A 9 20.23 -3.46 -10.95
N LYS A 10 19.94 -2.31 -10.36
CA LYS A 10 20.90 -1.24 -10.21
C LYS A 10 20.57 -0.44 -8.95
N CYS A 11 21.34 0.62 -8.73
CA CYS A 11 21.20 1.50 -7.58
C CYS A 11 20.73 2.88 -8.04
N TYR A 12 20.01 3.55 -7.15
CA TYR A 12 19.47 4.89 -7.37
C TYR A 12 19.92 5.76 -6.20
N SER A 13 19.57 7.04 -6.24
CA SER A 13 19.85 7.91 -5.11
C SER A 13 18.98 7.50 -3.92
N HIS A 14 19.59 7.04 -2.83
CA HIS A 14 18.80 6.59 -1.69
C HIS A 14 19.33 7.04 -0.33
N ILE A 15 20.60 7.40 -0.23
CA ILE A 15 21.19 7.95 0.99
C ILE A 15 22.13 9.08 0.58
N ASN A 16 22.48 9.92 1.54
CA ASN A 16 23.44 11.01 1.32
C ASN A 16 23.07 11.81 0.08
N GLY A 17 24.05 12.18 -0.75
CA GLY A 17 23.75 13.03 -1.89
C GLY A 17 23.72 14.51 -1.57
N SER A 18 23.27 15.30 -2.54
CA SER A 18 23.18 16.74 -2.38
C SER A 18 22.02 17.11 -1.46
N ALA A 19 22.05 18.35 -0.96
CA ALA A 19 20.90 18.84 -0.20
C ALA A 19 19.62 18.76 -1.02
N GLU A 20 19.70 19.05 -2.32
CA GLU A 20 18.51 18.96 -3.18
C GLU A 20 17.96 17.53 -3.20
N GLU A 21 18.85 16.54 -3.29
CA GLU A 21 18.39 15.15 -3.33
C GLU A 21 17.85 14.72 -1.96
N LEU A 22 18.54 15.10 -0.89
CA LEU A 22 18.01 14.84 0.44
C LEU A 22 16.61 15.40 0.62
N LEU A 23 16.40 16.65 0.17
CA LEU A 23 15.11 17.29 0.37
C LEU A 23 14.03 16.70 -0.55
N ASP A 24 14.42 16.20 -1.74
CA ASP A 24 13.48 15.47 -2.58
C ASP A 24 13.05 14.17 -1.92
N ARG A 25 14.01 13.41 -1.36
CA ARG A 25 13.64 12.17 -0.69
C ARG A 25 12.79 12.45 0.56
N LEU A 26 13.08 13.54 1.28
CA LEU A 26 12.24 13.90 2.41
C LEU A 26 10.81 14.20 1.97
N ALA A 27 10.65 14.97 0.89
CA ALA A 27 9.33 15.33 0.42
C ALA A 27 8.54 14.08 0.02
N VAL A 28 9.21 13.14 -0.66
CA VAL A 28 8.54 11.91 -1.06
C VAL A 28 8.19 11.06 0.17
N SER A 29 9.07 11.03 1.18
CA SER A 29 8.76 10.22 2.36
C SER A 29 7.52 10.77 3.09
N GLU A 30 7.33 12.09 3.06
CA GLU A 30 6.15 12.68 3.66
C GLU A 30 4.88 12.24 2.93
N LEU A 31 4.89 12.24 1.58
CA LEU A 31 3.74 11.75 0.83
C LEU A 31 3.32 10.36 1.27
N CYS A 32 4.31 9.47 1.41
CA CYS A 32 4.01 8.11 1.81
C CYS A 32 3.29 8.09 3.14
N LYS A 33 3.84 8.82 4.12
CA LYS A 33 3.25 8.81 5.45
C LYS A 33 1.86 9.45 5.47
N GLY A 34 1.51 10.23 4.44
CA GLY A 34 0.18 10.80 4.38
C GLY A 34 -0.91 9.76 4.31
N TRP A 35 -0.61 8.59 3.71
CA TRP A 35 -1.64 7.56 3.65
C TRP A 35 -2.07 7.13 5.06
N PRO A 36 -1.18 6.62 5.91
CA PRO A 36 -1.61 6.29 7.28
C PRO A 36 -2.18 7.48 8.05
N VAL A 37 -1.50 8.62 8.01
CA VAL A 37 -1.89 9.73 8.87
C VAL A 37 -3.24 10.29 8.43
N TYR A 38 -3.43 10.53 7.14
CA TYR A 38 -4.65 11.19 6.69
C TYR A 38 -5.81 10.22 6.51
N ARG A 39 -5.59 9.01 5.97
CA ARG A 39 -6.71 8.10 5.80
C ARG A 39 -7.28 7.68 7.15
N ASP A 40 -6.42 7.40 8.13
CA ASP A 40 -6.90 6.90 9.40
C ASP A 40 -7.74 7.96 10.12
N ALA A 41 -7.49 9.23 9.83
CA ALA A 41 -8.17 10.36 10.46
C ALA A 41 -9.27 10.95 9.59
N SER A 42 -9.54 10.35 8.43
CA SER A 42 -10.53 10.85 7.49
C SER A 42 -10.23 12.29 7.07
N GLU A 43 -8.96 12.67 7.02
CA GLU A 43 -8.57 14.00 6.58
C GLU A 43 -8.48 13.97 5.06
N TRP A 44 -9.64 14.07 4.41
CA TRP A 44 -9.71 13.72 2.99
C TRP A 44 -9.08 14.78 2.09
N LYS A 45 -9.17 16.07 2.45
CA LYS A 45 -8.46 17.07 1.67
C LYS A 45 -6.96 16.80 1.68
N ASN A 46 -6.41 16.53 2.88
CA ASN A 46 -5.00 16.19 2.98
C ASN A 46 -4.67 14.92 2.20
N TYR A 47 -5.50 13.87 2.35
CA TYR A 47 -5.22 12.62 1.63
C TYR A 47 -5.23 12.85 0.13
N ARG A 48 -6.25 13.55 -0.41
CA ARG A 48 -6.29 13.73 -1.86
C ARG A 48 -5.09 14.52 -2.37
N SER A 49 -4.55 15.44 -1.55
CA SER A 49 -3.41 16.25 -1.97
C SER A 49 -2.15 15.42 -2.26
N LEU A 50 -2.10 14.15 -1.84
CA LEU A 50 -0.91 13.34 -2.06
C LEU A 50 -0.77 12.88 -3.51
N PHE A 51 -1.84 12.96 -4.30
CA PHE A 51 -1.91 12.21 -5.55
C PHE A 51 -1.97 13.12 -6.76
N THR A 52 -1.51 12.58 -7.90
CA THR A 52 -1.74 13.18 -9.21
C THR A 52 -3.23 13.14 -9.54
N GLU A 53 -3.63 13.89 -10.58
CA GLU A 53 -5.05 13.91 -10.93
C GLU A 53 -5.51 12.56 -11.47
N ASP A 54 -4.61 11.79 -12.06
CA ASP A 54 -4.94 10.53 -12.71
C ASP A 54 -4.45 9.31 -11.93
N ALA A 55 -4.40 9.42 -10.62
CA ALA A 55 -3.77 8.38 -9.82
C ALA A 55 -4.67 7.15 -9.63
N THR A 56 -4.03 6.00 -9.45
CA THR A 56 -4.71 4.75 -9.16
C THR A 56 -4.04 4.08 -7.96
N VAL A 57 -4.87 3.46 -7.13
CA VAL A 57 -4.40 2.71 -5.96
C VAL A 57 -4.95 1.28 -6.02
N TRP A 58 -4.24 0.37 -5.36
CA TRP A 58 -4.63 -1.04 -5.26
C TRP A 58 -4.71 -1.40 -3.78
N THR A 59 -5.78 -2.08 -3.39
CA THR A 59 -5.86 -2.69 -2.06
C THR A 59 -6.46 -4.08 -2.19
N THR A 60 -6.30 -4.88 -1.12
CA THR A 60 -6.88 -6.23 -1.12
C THR A 60 -8.40 -6.17 -1.27
N TRP A 61 -9.06 -5.21 -0.63
CA TRP A 61 -10.51 -5.21 -0.55
C TRP A 61 -11.18 -4.45 -1.68
N SER A 62 -10.43 -3.62 -2.40
CA SER A 62 -11.00 -2.81 -3.48
C SER A 62 -10.51 -3.17 -4.87
N GLY A 63 -9.40 -3.87 -4.98
CA GLY A 63 -8.69 -3.98 -6.24
C GLY A 63 -8.24 -2.61 -6.68
N PRO A 64 -7.88 -2.46 -7.96
CA PRO A 64 -7.49 -1.14 -8.46
C PRO A 64 -8.66 -0.18 -8.52
N ARG A 65 -8.41 1.08 -8.12
CA ARG A 65 -9.42 2.12 -8.10
C ARG A 65 -8.75 3.44 -8.45
N PRO A 66 -9.33 4.26 -9.34
CA PRO A 66 -8.93 5.67 -9.39
C PRO A 66 -9.08 6.26 -7.99
N VAL A 67 -8.19 7.18 -7.63
CA VAL A 67 -8.14 7.61 -6.24
C VAL A 67 -9.45 8.26 -5.79
N ASP A 68 -10.12 9.01 -6.66
CA ASP A 68 -11.35 9.64 -6.18
C ASP A 68 -12.44 8.61 -5.88
N GLU A 69 -12.53 7.56 -6.71
CA GLU A 69 -13.45 6.46 -6.41
C GLU A 69 -13.04 5.74 -5.13
N PHE A 70 -11.74 5.53 -4.94
CA PHE A 70 -11.27 4.91 -3.70
C PHE A 70 -11.71 5.70 -2.48
N ILE A 71 -11.63 7.04 -2.55
CA ILE A 71 -12.07 7.85 -1.43
C ILE A 71 -13.57 7.67 -1.20
N THR A 72 -14.36 7.60 -2.28
CA THR A 72 -15.81 7.43 -2.11
C THR A 72 -16.14 6.12 -1.39
N ILE A 73 -15.52 5.02 -1.81
CA ILE A 73 -15.86 3.74 -1.21
C ILE A 73 -15.23 3.59 0.16
N SER A 74 -14.10 4.29 0.41
CA SER A 74 -13.55 4.31 1.76
C SER A 74 -14.48 5.02 2.72
N LYS A 75 -15.03 6.16 2.31
CA LYS A 75 -16.01 6.83 3.14
C LYS A 75 -17.22 5.94 3.41
N ALA A 76 -17.71 5.25 2.39
CA ALA A 76 -18.85 4.35 2.56
C ALA A 76 -18.50 3.23 3.55
N GLY A 77 -17.32 2.63 3.38
CA GLY A 77 -16.90 1.60 4.33
C GLY A 77 -16.86 2.11 5.76
N LYS A 78 -16.25 3.28 5.98
CA LYS A 78 -16.18 3.83 7.32
C LYS A 78 -17.57 4.09 7.88
N GLU A 79 -18.49 4.58 7.04
CA GLU A 79 -19.86 4.78 7.53
C GLU A 79 -20.50 3.47 7.94
N GLN A 80 -20.13 2.35 7.30
CA GLN A 80 -20.66 1.05 7.67
C GLN A 80 -19.85 0.36 8.77
N GLY A 81 -18.94 1.07 9.43
CA GLY A 81 -18.23 0.54 10.56
C GLY A 81 -16.89 -0.10 10.27
N VAL A 82 -16.44 -0.08 9.00
CA VAL A 82 -15.10 -0.60 8.70
C VAL A 82 -14.08 0.22 9.48
N PHE A 83 -13.08 -0.48 10.08
CA PHE A 83 -12.14 0.15 10.99
C PHE A 83 -10.73 -0.34 10.64
N ILE A 84 -10.15 0.28 9.63
CA ILE A 84 -8.78 -0.02 9.20
C ILE A 84 -7.87 1.09 9.69
N MET A 85 -6.78 0.72 10.35
CA MET A 85 -5.73 1.63 10.72
C MET A 85 -4.40 1.10 10.17
N HIS A 86 -3.40 1.96 10.21
CA HIS A 86 -2.08 1.69 9.70
C HIS A 86 -1.06 2.03 10.77
N ARG A 87 0.01 1.25 10.81
CA ARG A 87 1.18 1.62 11.59
C ARG A 87 2.35 1.71 10.61
N GLU A 88 2.91 2.89 10.40
CA GLU A 88 4.08 3.01 9.54
C GLU A 88 5.32 2.52 10.27
N CYS A 89 6.19 1.76 9.55
CA CYS A 89 7.21 0.85 10.12
C CYS A 89 8.58 1.07 9.46
N GLY A 90 8.82 2.20 8.76
CA GLY A 90 10.10 2.49 8.12
C GLY A 90 9.98 2.90 6.66
N THR A 91 10.36 4.14 6.33
CA THR A 91 10.14 4.70 5.00
C THR A 91 11.44 5.21 4.43
N LEU A 92 11.79 4.75 3.20
CA LEU A 92 12.92 5.29 2.45
C LEU A 92 12.52 5.47 1.00
N VAL A 93 13.40 6.12 0.23
CA VAL A 93 13.05 6.56 -1.12
C VAL A 93 14.15 6.15 -2.10
N GLU A 94 13.75 5.75 -3.30
CA GLU A 94 14.66 5.60 -4.43
C GLU A 94 14.40 6.77 -5.36
N LEU A 95 15.42 7.59 -5.63
CA LEU A 95 15.24 8.81 -6.43
C LEU A 95 15.99 8.71 -7.74
N SER A 96 15.34 9.10 -8.83
CA SER A 96 15.94 9.21 -10.16
C SER A 96 15.90 10.68 -10.57
N PRO A 97 16.92 11.46 -10.20
CA PRO A 97 16.81 12.92 -10.36
C PRO A 97 16.60 13.37 -11.79
N GLN A 98 17.23 12.71 -12.75
CA GLN A 98 17.10 13.15 -14.14
C GLN A 98 15.74 12.83 -14.73
N GLN A 99 15.05 11.80 -14.21
CA GLN A 99 13.72 11.47 -14.69
C GLN A 99 12.61 12.18 -13.94
N GLY A 100 12.93 12.88 -12.84
CA GLY A 100 11.87 13.46 -12.02
C GLY A 100 10.95 12.40 -11.48
N ARG A 101 11.50 11.25 -11.12
CA ARG A 101 10.75 10.09 -10.68
C ARG A 101 11.33 9.60 -9.36
N ALA A 102 10.46 9.04 -8.51
CA ALA A 102 10.93 8.41 -7.28
C ALA A 102 10.00 7.25 -6.91
N ILE A 103 10.55 6.31 -6.13
CA ILE A 103 9.76 5.24 -5.51
C ILE A 103 9.87 5.42 -4.00
N GLY A 104 8.71 5.57 -3.34
CA GLY A 104 8.65 5.53 -1.89
C GLY A 104 8.38 4.13 -1.42
N LYS A 105 9.25 3.62 -0.53
CA LYS A 105 9.15 2.30 0.07
C LYS A 105 8.75 2.52 1.54
N MET A 106 7.53 2.19 1.90
CA MET A 106 7.04 2.42 3.26
C MET A 106 6.58 1.08 3.85
N LYS A 107 7.38 0.53 4.74
CA LYS A 107 6.97 -0.61 5.54
C LYS A 107 5.80 -0.18 6.43
N ALA A 108 4.86 -1.10 6.62
CA ALA A 108 3.68 -0.79 7.43
C ALA A 108 3.07 -2.05 7.99
N THR A 109 2.20 -1.88 8.98
CA THR A 109 1.27 -2.90 9.39
C THR A 109 -0.12 -2.35 9.10
N ILE A 110 -0.89 -3.06 8.27
CA ILE A 110 -2.34 -2.81 8.18
C ILE A 110 -2.95 -3.52 9.38
N THR A 111 -3.68 -2.77 10.21
CA THR A 111 -4.30 -3.35 11.41
C THR A 111 -5.80 -3.05 11.32
N GLN A 112 -6.58 -4.09 11.02
CA GLN A 112 -8.02 -3.93 10.79
C GLN A 112 -8.77 -4.61 11.93
N ARG A 113 -9.68 -3.87 12.55
CA ARG A 113 -10.49 -4.36 13.67
C ARG A 113 -11.82 -4.90 13.18
N PHE A 114 -12.12 -6.13 13.57
CA PHE A 114 -13.31 -6.87 13.14
C PHE A 114 -14.11 -7.35 14.35
N SER A 115 -15.36 -7.72 14.10
CA SER A 115 -16.19 -8.46 15.06
C SER A 115 -16.61 -9.82 14.49
N PHE A 116 -16.82 -10.77 15.39
CA PHE A 116 -17.33 -12.08 15.02
C PHE A 116 -18.42 -12.45 16.03
N PRO A 117 -19.64 -12.79 15.58
CA PRO A 117 -20.66 -13.24 16.54
C PRO A 117 -20.44 -14.68 17.01
N ALA A 134 -19.94 -10.79 21.52
CA ALA A 134 -19.26 -10.76 20.22
C ALA A 134 -17.74 -10.69 20.39
N ILE A 135 -17.03 -11.42 19.55
CA ILE A 135 -15.57 -11.56 19.65
C ILE A 135 -14.92 -10.45 18.83
N GLU A 136 -14.17 -9.57 19.48
CA GLU A 136 -13.40 -8.54 18.78
C GLU A 136 -12.02 -9.11 18.43
N PHE A 137 -11.53 -8.82 17.22
CA PHE A 137 -10.17 -9.23 16.87
C PHE A 137 -9.59 -8.28 15.83
N ASP A 138 -8.27 -8.19 15.81
CA ASP A 138 -7.58 -7.50 14.72
C ASP A 138 -7.01 -8.56 13.77
N VAL A 139 -6.84 -8.19 12.52
CA VAL A 139 -5.88 -8.83 11.65
C VAL A 139 -4.80 -7.79 11.37
N ASP A 140 -3.54 -8.17 11.65
CA ASP A 140 -2.37 -7.31 11.44
C ASP A 140 -1.55 -7.93 10.33
N CYS A 141 -1.36 -7.18 9.24
CA CYS A 141 -0.63 -7.63 8.06
C CYS A 141 0.57 -6.73 7.86
N ASP A 142 1.76 -7.30 7.98
CA ASP A 142 3.00 -6.60 7.69
C ASP A 142 3.19 -6.55 6.18
N CYS A 143 3.43 -5.36 5.66
CA CYS A 143 3.40 -5.11 4.24
C CYS A 143 4.35 -3.98 3.93
N ARG A 144 4.50 -3.68 2.64
CA ARG A 144 5.35 -2.60 2.18
C ARG A 144 4.59 -1.86 1.10
N PHE A 145 4.22 -0.62 1.38
CA PHE A 145 3.60 0.24 0.39
C PHE A 145 4.66 0.73 -0.58
N ILE A 146 4.34 0.69 -1.88
CA ILE A 146 5.22 1.23 -2.91
C ILE A 146 4.50 2.40 -3.57
N PHE A 147 5.02 3.62 -3.38
CA PHE A 147 4.47 4.85 -3.94
C PHE A 147 5.26 5.23 -5.19
N PHE A 148 4.58 5.26 -6.33
CA PHE A 148 5.21 5.65 -7.62
C PHE A 148 4.98 7.14 -7.76
N CYS A 149 6.03 7.95 -7.54
CA CYS A 149 5.91 9.39 -7.43
C CYS A 149 6.62 10.11 -8.57
N GLU A 150 6.07 11.26 -8.93
CA GLU A 150 6.64 12.08 -10.01
C GLU A 150 6.66 13.55 -9.58
N LYS A 151 7.65 14.27 -10.11
CA LYS A 151 7.89 15.66 -9.76
C LYS A 151 7.34 16.55 -10.86
N ASP A 152 6.47 17.49 -10.50
CA ASP A 152 5.98 18.49 -11.44
C ASP A 152 7.13 19.40 -11.87
N THR A 153 7.41 19.47 -13.17
CA THR A 153 8.53 20.28 -13.63
C THR A 153 8.34 21.76 -13.28
N ALA A 154 7.14 22.28 -13.54
CA ALA A 154 6.84 23.68 -13.25
C ALA A 154 7.04 24.00 -11.77
N SER A 155 6.28 23.33 -10.90
CA SER A 155 6.22 23.67 -9.48
C SER A 155 7.28 22.97 -8.64
N GLY A 156 7.85 21.88 -9.13
CA GLY A 156 8.75 21.08 -8.32
C GLY A 156 8.07 20.19 -7.30
N ALA A 157 6.74 20.14 -7.29
CA ALA A 157 6.02 19.36 -6.29
C ALA A 157 6.00 17.88 -6.65
N TRP A 158 6.20 17.03 -5.64
CA TRP A 158 6.04 15.59 -5.80
C TRP A 158 4.62 15.16 -5.51
N LYS A 159 4.12 14.21 -6.32
CA LYS A 159 2.81 13.63 -6.17
C LYS A 159 2.89 12.13 -6.47
N ALA A 160 1.98 11.36 -5.87
CA ALA A 160 1.94 9.93 -6.16
C ALA A 160 0.95 9.62 -7.29
N LYS A 161 1.40 8.88 -8.29
CA LYS A 161 0.53 8.42 -9.36
C LYS A 161 -0.02 7.02 -9.12
N TYR A 162 0.75 6.15 -8.48
CA TYR A 162 0.32 4.79 -8.21
C TYR A 162 0.72 4.41 -6.79
N VAL A 163 -0.12 3.60 -6.15
CA VAL A 163 0.20 2.99 -4.86
C VAL A 163 -0.21 1.51 -4.91
N LYS A 164 0.73 0.62 -4.69
CA LYS A 164 0.48 -0.82 -4.61
C LYS A 164 1.42 -1.43 -3.59
N LEU A 165 0.98 -2.51 -2.93
CA LEU A 165 1.73 -3.07 -1.81
C LEU A 165 2.31 -4.44 -2.10
N PHE A 166 3.44 -4.74 -1.42
CA PHE A 166 3.86 -6.11 -1.13
C PHE A 166 3.23 -6.53 0.19
N TYR A 167 2.76 -7.77 0.26
CA TYR A 167 2.14 -8.33 1.49
C TYR A 167 3.04 -9.43 2.02
N GLU A 168 3.51 -9.27 3.25
CA GLU A 168 4.59 -10.14 3.74
C GLU A 168 4.13 -11.22 4.70
N LYS A 169 3.39 -10.87 5.76
CA LYS A 169 2.87 -11.89 6.66
C LYS A 169 1.70 -11.27 7.42
N ASP A 170 0.83 -12.12 7.94
CA ASP A 170 -0.29 -11.63 8.75
C ASP A 170 -0.60 -12.56 9.90
N LYS A 171 -1.45 -12.07 10.81
CA LYS A 171 -1.81 -12.81 12.00
C LYS A 171 -3.15 -12.32 12.52
N VAL A 172 -3.80 -13.18 13.28
CA VAL A 172 -5.02 -12.86 14.03
C VAL A 172 -4.62 -12.42 15.42
N VAL A 173 -5.17 -11.31 15.88
CA VAL A 173 -4.85 -10.71 17.17
C VAL A 173 -6.10 -10.69 18.03
N SER A 174 -6.07 -11.41 19.14
CA SER A 174 -7.13 -11.32 20.12
C SER A 174 -7.15 -9.95 20.77
N VAL A 175 -8.32 -9.38 20.96
CA VAL A 175 -8.39 -8.07 21.60
C VAL A 175 -8.41 -8.19 23.11
N ASP A 176 -9.10 -9.20 23.65
CA ASP A 176 -9.13 -9.37 25.10
C ASP A 176 -8.08 -10.32 25.60
N GLY A 177 -7.29 -10.92 24.70
CA GLY A 177 -6.25 -11.84 25.13
C GLY A 177 -6.71 -13.25 25.37
N HIS A 178 -7.99 -13.54 25.18
CA HIS A 178 -8.56 -14.87 25.42
C HIS A 178 -9.26 -15.44 24.21
N GLN A 179 -10.10 -14.67 23.53
CA GLN A 179 -10.95 -15.16 22.48
C GLN A 179 -10.46 -14.70 21.13
N ALA A 180 -10.62 -15.58 20.13
CA ALA A 180 -10.23 -15.26 18.77
C ALA A 180 -11.13 -16.03 17.82
N PRO A 181 -11.34 -15.52 16.61
CA PRO A 181 -12.14 -16.25 15.61
C PRO A 181 -11.41 -17.48 15.12
N LYS A 182 -12.13 -18.30 14.35
CA LYS A 182 -11.58 -19.49 13.74
C LYS A 182 -11.78 -19.45 12.23
N PHE A 183 -10.73 -19.76 11.48
CA PHE A 183 -10.81 -19.82 10.02
C PHE A 183 -10.48 -21.23 9.56
N THR A 184 -11.31 -21.80 8.69
CA THR A 184 -10.97 -23.14 8.20
C THR A 184 -9.80 -23.07 7.22
N LYS A 185 -9.16 -24.23 7.02
CA LYS A 185 -8.08 -24.28 6.04
C LYS A 185 -8.60 -23.88 4.68
N ASP A 186 -9.77 -24.36 4.31
CA ASP A 186 -10.32 -24.04 2.98
C ASP A 186 -10.63 -22.55 2.87
N GLU A 187 -11.10 -21.92 3.95
CA GLU A 187 -11.38 -20.50 3.90
C GLU A 187 -10.12 -19.69 3.61
N LEU A 188 -8.98 -20.13 4.12
CA LEU A 188 -7.73 -19.39 3.92
C LEU A 188 -7.04 -19.74 2.61
N ALA A 189 -7.36 -20.89 2.01
CA ALA A 189 -6.51 -21.46 0.98
C ALA A 189 -6.50 -20.66 -0.32
N LYS A 190 -7.57 -19.94 -0.66
CA LYS A 190 -7.56 -19.26 -1.95
C LYS A 190 -6.67 -18.03 -1.95
N TYR A 191 -6.23 -17.54 -0.76
CA TYR A 191 -5.48 -16.30 -0.73
C TYR A 191 -3.98 -16.56 -0.79
N PRO A 192 -3.22 -15.65 -1.38
CA PRO A 192 -1.76 -15.78 -1.33
C PRO A 192 -1.24 -15.72 0.11
N GLN A 193 -0.23 -16.54 0.36
CA GLN A 193 0.49 -16.49 1.64
C GLN A 193 1.07 -15.10 1.83
N GLY A 194 0.70 -14.47 2.92
CA GLY A 194 1.09 -13.10 3.17
C GLY A 194 -0.11 -12.27 3.58
N TYR A 195 -1.28 -12.56 3.02
CA TYR A 195 -2.51 -11.88 3.43
C TYR A 195 -3.70 -12.81 3.53
N ARG A 196 -3.49 -14.08 3.91
CA ARG A 196 -4.62 -15.02 3.96
C ARG A 196 -5.63 -14.64 5.04
N TYR A 197 -5.16 -14.30 6.26
CA TYR A 197 -6.14 -13.92 7.27
C TYR A 197 -6.80 -12.58 6.94
N LEU A 198 -6.04 -11.63 6.39
CA LEU A 198 -6.62 -10.34 6.04
C LEU A 198 -7.68 -10.50 4.95
N GLY A 199 -7.34 -11.24 3.90
CA GLY A 199 -8.30 -11.51 2.84
C GLY A 199 -9.53 -12.22 3.34
N ALA A 200 -9.33 -13.28 4.12
CA ALA A 200 -10.47 -14.06 4.61
C ALA A 200 -11.38 -13.21 5.50
N ALA A 201 -10.80 -12.39 6.39
CA ALA A 201 -11.66 -11.59 7.24
C ALA A 201 -12.40 -10.51 6.47
N GLN A 202 -11.73 -9.87 5.49
CA GLN A 202 -12.40 -8.85 4.69
C GLN A 202 -13.50 -9.46 3.81
N ALA A 203 -13.25 -10.67 3.32
CA ALA A 203 -14.27 -11.38 2.54
C ALA A 203 -15.53 -11.60 3.36
N ARG A 204 -15.38 -11.87 4.65
CA ARG A 204 -16.56 -12.04 5.50
C ARG A 204 -17.41 -10.77 5.57
N LEU A 205 -16.83 -9.59 5.33
CA LEU A 205 -17.60 -8.35 5.26
C LEU A 205 -18.32 -8.19 3.94
N GLY A 206 -18.02 -9.01 2.94
CA GLY A 206 -18.67 -8.93 1.66
C GLY A 206 -17.82 -8.41 0.55
N TYR A 207 -16.55 -8.09 0.81
CA TYR A 207 -15.69 -7.58 -0.23
C TYR A 207 -15.17 -8.69 -1.13
N ASP A 208 -15.02 -8.35 -2.42
CA ASP A 208 -14.35 -9.24 -3.38
C ASP A 208 -12.84 -8.97 -3.37
N ILE A 209 -12.07 -9.96 -2.94
CA ILE A 209 -10.66 -9.75 -2.62
C ILE A 209 -9.79 -9.94 -3.85
N ASP A 210 -8.88 -8.98 -4.09
CA ASP A 210 -7.90 -9.11 -5.17
C ASP A 210 -6.85 -10.14 -4.80
N LEU A 211 -6.76 -11.21 -5.61
CA LEU A 211 -5.84 -12.32 -5.35
C LEU A 211 -4.54 -12.19 -6.13
N GLN A 212 -4.35 -11.11 -6.89
CA GLN A 212 -3.19 -10.94 -7.73
C GLN A 212 -2.29 -9.83 -7.19
N LEU A 213 -2.03 -9.85 -5.89
CA LEU A 213 -1.15 -8.84 -5.32
C LEU A 213 0.17 -9.46 -4.90
N PRO A 214 1.27 -8.72 -4.93
CA PRO A 214 2.58 -9.35 -4.73
C PRO A 214 2.84 -9.68 -3.27
N THR A 215 3.63 -10.73 -3.06
CA THR A 215 4.00 -11.14 -1.72
C THR A 215 5.53 -11.22 -1.66
N SER A 216 6.05 -11.89 -0.63
CA SER A 216 7.48 -11.96 -0.40
C SER A 216 8.25 -12.70 -1.49
N SER A 217 7.56 -13.46 -2.34
CA SER A 217 8.22 -14.37 -3.25
C SER A 217 7.42 -14.50 -4.54
N GLY A 218 8.11 -14.86 -5.62
CA GLY A 218 7.44 -15.42 -6.77
C GLY A 218 7.25 -14.50 -7.94
N GLN A 219 6.21 -14.81 -8.72
CA GLN A 219 6.03 -14.20 -10.03
C GLN A 219 5.76 -12.70 -9.90
N LEU A 220 4.78 -12.33 -9.07
CA LEU A 220 4.40 -10.92 -8.96
C LEU A 220 5.41 -10.12 -8.15
N TRP A 221 6.20 -10.79 -7.33
CA TRP A 221 7.34 -10.13 -6.68
C TRP A 221 8.35 -9.63 -7.71
N ASP A 222 8.80 -10.49 -8.62
CA ASP A 222 9.72 -10.01 -9.64
C ASP A 222 9.05 -8.95 -10.52
N ARG A 223 7.75 -9.14 -10.80
CA ARG A 223 7.05 -8.18 -11.66
C ARG A 223 7.00 -6.80 -11.01
N MET A 224 6.73 -6.76 -9.71
CA MET A 224 6.69 -5.49 -9.03
C MET A 224 8.04 -4.78 -9.10
N TYR A 225 9.14 -5.51 -8.86
CA TYR A 225 10.46 -4.87 -8.97
C TYR A 225 10.72 -4.42 -10.40
N GLY A 226 10.23 -5.18 -11.39
CA GLY A 226 10.41 -4.75 -12.76
C GLY A 226 9.71 -3.45 -13.04
N GLU A 227 8.49 -3.30 -12.54
CA GLU A 227 7.74 -2.07 -12.78
C GLU A 227 8.34 -0.92 -12.00
N MET A 228 8.89 -1.20 -10.80
CA MET A 228 9.54 -0.14 -10.03
C MET A 228 10.74 0.42 -10.79
N GLU A 229 11.55 -0.45 -11.37
CA GLU A 229 12.71 0.01 -12.14
C GLU A 229 12.28 0.66 -13.45
N ASN A 230 11.22 0.19 -14.08
CA ASN A 230 10.68 0.87 -15.25
C ASN A 230 10.29 2.30 -14.91
N TRP A 231 9.58 2.49 -13.77
CA TRP A 231 9.19 3.83 -13.35
C TRP A 231 10.40 4.73 -13.16
N LEU A 232 11.41 4.24 -12.46
CA LEU A 232 12.59 5.02 -12.15
C LEU A 232 13.39 5.34 -13.40
N GLY A 233 13.29 4.49 -14.42
CA GLY A 233 13.87 4.75 -15.72
C GLY A 233 13.10 5.72 -16.59
N GLY A 234 11.90 6.13 -16.18
CA GLY A 234 11.13 7.12 -16.90
C GLY A 234 10.00 6.58 -17.76
N ASN A 235 9.82 5.26 -17.82
CA ASN A 235 8.80 4.65 -18.67
C ASN A 235 7.40 4.83 -18.11
N LYS A 236 6.41 4.54 -18.96
CA LYS A 236 5.11 4.14 -18.43
C LYS A 236 5.26 2.76 -17.81
N VAL A 237 4.41 2.48 -16.85
CA VAL A 237 4.50 1.19 -16.19
C VAL A 237 3.19 0.48 -16.48
N ASP A 238 3.20 -0.82 -16.19
CA ASP A 238 2.00 -1.64 -16.32
C ASP A 238 1.77 -2.32 -14.97
N LEU A 239 0.96 -1.69 -14.13
CA LEU A 239 0.58 -2.25 -12.84
C LEU A 239 -0.80 -2.90 -12.88
N PHE A 240 -1.43 -2.93 -14.05
CA PHE A 240 -2.77 -3.49 -14.23
C PHE A 240 -2.57 -4.93 -14.68
N TRP A 241 -2.72 -5.87 -13.74
CA TRP A 241 -2.21 -7.22 -13.95
C TRP A 241 -3.30 -8.22 -14.27
N GLU A 242 -4.50 -7.77 -14.54
CA GLU A 242 -5.56 -8.68 -14.98
C GLU A 242 -5.92 -8.50 -16.44
N HIS A 243 -5.31 -7.54 -17.13
CA HIS A 243 -5.46 -7.35 -18.58
C HIS A 243 -4.17 -6.73 -19.08
#